data_7X99
#
_entry.id   7X99
#
_cell.length_a   129.610
_cell.length_b   129.610
_cell.length_c   75.200
_cell.angle_alpha   90.000
_cell.angle_beta   90.000
_cell.angle_gamma   120.000
#
_symmetry.space_group_name_H-M   'P 63'
#
loop_
_entity.id
_entity.type
_entity.pdbx_description
1 polymer 'ornithine carbamoyltransferase'
2 water water
#
_entity_poly.entity_id   1
_entity_poly.type   'polypeptide(L)'
_entity_poly.pdbx_seq_one_letter_code
;GSHMSLRHFLTLSDLTKQELENLIKRASELRKMQHAGEIYQPFVGRTLGMIFEKSSTRTRISFETGMGQFGGNAIFLSPN
DTQLGRGEPLEDSARVISSMVDIIMIRTFGHEKVETFAEYSSVPIINALTDDYHPCQLLADMQTYYEHRGSIENKIVTWV
GDGNNMCSSFMQAANQFGFELRVAAPYGFEPDPKLMERFSHCVSLVENVQDAAKDANLIVTDVWASMGQESEQNTRARRF
APYQVTPSLLDKADPEVVFMHCLPAHRGEEISHDMLNDPRSVVWDEAENRLHAQKALMEFLLKDKIKI
;
_entity_poly.pdbx_strand_id   A,B
#
# COMPACT_ATOMS: atom_id res chain seq x y z
N SER A 5 -42.29 -12.31 8.79
CA SER A 5 -41.65 -11.31 9.71
C SER A 5 -40.17 -11.67 9.92
N LEU A 6 -39.90 -12.84 10.51
CA LEU A 6 -38.55 -13.25 11.00
C LEU A 6 -37.55 -13.26 9.83
N ARG A 7 -36.51 -12.45 9.92
CA ARG A 7 -35.49 -12.32 8.87
C ARG A 7 -34.20 -12.89 9.41
N HIS A 8 -33.50 -13.66 8.57
CA HIS A 8 -32.15 -14.23 8.81
C HIS A 8 -31.12 -13.55 7.92
N PHE A 9 -29.83 -13.73 8.23
CA PHE A 9 -28.72 -13.49 7.28
C PHE A 9 -27.95 -14.79 7.00
N LEU A 10 -28.42 -15.60 6.07
CA LEU A 10 -27.77 -16.88 5.66
C LEU A 10 -26.86 -16.69 4.44
N THR A 11 -27.22 -15.76 3.59
CA THR A 11 -26.45 -15.46 2.36
C THR A 11 -26.61 -13.96 2.10
N LEU A 12 -25.72 -13.38 1.31
CA LEU A 12 -25.63 -11.91 1.12
C LEU A 12 -26.97 -11.39 0.60
N SER A 13 -27.60 -12.13 -0.30
CA SER A 13 -28.86 -11.74 -0.99
C SER A 13 -30.06 -11.75 -0.06
N ASP A 14 -29.94 -12.19 1.20
CA ASP A 14 -31.04 -12.10 2.21
C ASP A 14 -31.32 -10.63 2.56
N LEU A 15 -30.46 -9.71 2.14
CA LEU A 15 -30.67 -8.24 2.24
C LEU A 15 -30.74 -7.71 0.82
N THR A 16 -31.68 -6.81 0.54
CA THR A 16 -31.76 -6.13 -0.78
C THR A 16 -30.51 -5.25 -0.93
N LYS A 17 -30.21 -4.82 -2.16
CA LYS A 17 -29.14 -3.89 -2.54
C LYS A 17 -29.15 -2.64 -1.64
N GLN A 18 -30.33 -2.06 -1.44
CA GLN A 18 -30.49 -0.84 -0.62
C GLN A 18 -30.23 -1.14 0.87
N GLU A 19 -30.73 -2.26 1.41
CA GLU A 19 -30.45 -2.65 2.81
C GLU A 19 -28.94 -2.84 2.99
N LEU A 20 -28.25 -3.48 2.04
CA LEU A 20 -26.78 -3.69 2.06
C LEU A 20 -26.07 -2.34 2.11
N GLU A 21 -26.49 -1.40 1.26
CA GLU A 21 -25.90 -0.04 1.21
C GLU A 21 -26.21 0.68 2.52
N ASN A 22 -27.43 0.59 3.03
CA ASN A 22 -27.75 1.24 4.32
C ASN A 22 -26.90 0.62 5.42
N LEU A 23 -26.67 -0.69 5.36
CA LEU A 23 -25.94 -1.42 6.43
C LEU A 23 -24.49 -0.93 6.49
N ILE A 24 -23.81 -0.86 5.35
CA ILE A 24 -22.39 -0.46 5.23
C ILE A 24 -22.25 0.98 5.74
N LYS A 25 -23.24 1.79 5.44
CA LYS A 25 -23.23 3.22 5.80
C LYS A 25 -23.44 3.27 7.32
N ARG A 26 -24.33 2.44 7.83
CA ARG A 26 -24.64 2.37 9.27
C ARG A 26 -23.40 1.85 9.99
N ALA A 27 -22.74 0.83 9.45
CA ALA A 27 -21.49 0.32 10.07
C ALA A 27 -20.47 1.46 10.20
N SER A 28 -20.31 2.31 9.18
CA SER A 28 -19.34 3.44 9.24
C SER A 28 -19.74 4.41 10.34
N GLU A 29 -21.03 4.72 10.47
CA GLU A 29 -21.54 5.62 11.53
C GLU A 29 -21.29 4.96 12.91
N LEU A 30 -21.53 3.65 13.07
CA LEU A 30 -21.28 2.96 14.37
C LEU A 30 -19.79 3.00 14.68
N ARG A 31 -18.94 2.88 13.68
CA ARG A 31 -17.49 2.92 13.94
C ARG A 31 -17.11 4.31 14.49
N LYS A 32 -17.61 5.40 13.90
CA LYS A 32 -17.30 6.78 14.37
C LYS A 32 -17.84 6.98 15.81
N MET A 33 -19.03 6.50 16.08
CA MET A 33 -19.66 6.57 17.43
C MET A 33 -18.76 5.89 18.47
N GLN A 34 -18.32 4.67 18.21
CA GLN A 34 -17.50 3.91 19.19
C GLN A 34 -16.19 4.66 19.42
N HIS A 35 -15.50 5.05 18.36
CA HIS A 35 -14.22 5.78 18.46
C HIS A 35 -14.40 7.13 19.16
N ALA A 36 -15.53 7.80 19.01
CA ALA A 36 -15.84 9.10 19.67
C ALA A 36 -16.26 8.85 21.12
N GLY A 37 -16.51 7.59 21.52
CA GLY A 37 -16.78 7.21 22.91
C GLY A 37 -18.25 7.37 23.22
N GLU A 38 -19.08 7.47 22.19
CA GLU A 38 -20.54 7.45 22.39
C GLU A 38 -20.98 6.07 22.92
N ILE A 39 -21.82 6.10 23.93
CA ILE A 39 -22.49 4.90 24.52
C ILE A 39 -23.81 4.73 23.75
N TYR A 40 -23.89 3.61 23.03
CA TYR A 40 -25.08 3.18 22.28
C TYR A 40 -25.32 1.71 22.63
N GLN A 41 -26.40 1.48 23.37
CA GLN A 41 -26.71 0.20 24.05
C GLN A 41 -28.17 -0.10 23.82
N PRO A 42 -28.54 -0.43 22.57
CA PRO A 42 -29.91 -0.86 22.26
C PRO A 42 -30.21 -2.30 22.68
N PHE A 43 -29.21 -3.08 23.13
CA PHE A 43 -29.42 -4.51 23.44
C PHE A 43 -29.21 -4.87 24.91
N VAL A 44 -29.35 -3.91 25.82
CA VAL A 44 -29.45 -4.23 27.27
C VAL A 44 -30.51 -5.34 27.44
N GLY A 45 -30.18 -6.43 28.13
CA GLY A 45 -31.11 -7.53 28.40
C GLY A 45 -31.11 -8.59 27.29
N ARG A 46 -30.34 -8.37 26.22
CA ARG A 46 -30.33 -9.23 25.02
C ARG A 46 -29.05 -10.11 25.00
N THR A 47 -29.17 -11.27 24.35
CA THR A 47 -28.09 -12.29 24.33
C THR A 47 -27.86 -12.76 22.89
N LEU A 48 -26.60 -12.84 22.50
CA LEU A 48 -26.12 -13.50 21.26
C LEU A 48 -25.61 -14.91 21.62
N GLY A 49 -26.16 -15.92 20.99
CA GLY A 49 -25.57 -17.29 21.02
C GLY A 49 -24.63 -17.48 19.85
N MET A 50 -23.37 -17.83 20.12
CA MET A 50 -22.34 -18.05 19.09
C MET A 50 -22.06 -19.54 19.03
N ILE A 51 -22.51 -20.17 17.96
CA ILE A 51 -22.30 -21.63 17.69
C ILE A 51 -21.17 -21.80 16.68
N PHE A 52 -20.08 -22.42 17.13
CA PHE A 52 -18.85 -22.75 16.36
C PHE A 52 -18.73 -24.27 16.24
N GLU A 53 -19.10 -24.80 15.08
CA GLU A 53 -18.84 -26.21 14.70
C GLU A 53 -17.37 -26.30 14.30
N LYS A 54 -16.82 -25.24 13.70
CA LYS A 54 -15.35 -25.07 13.49
C LYS A 54 -14.96 -23.69 14.03
N SER A 55 -13.79 -23.61 14.64
CA SER A 55 -13.40 -22.47 15.48
C SER A 55 -13.04 -21.33 14.52
N SER A 56 -13.38 -20.09 14.89
CA SER A 56 -12.89 -18.86 14.24
C SER A 56 -12.75 -17.80 15.34
N THR A 57 -11.54 -17.62 15.83
CA THR A 57 -11.21 -16.64 16.87
C THR A 57 -11.57 -15.22 16.38
N ARG A 58 -11.36 -14.89 15.09
CA ARG A 58 -11.58 -13.52 14.55
C ARG A 58 -13.09 -13.23 14.61
N THR A 59 -13.90 -14.17 14.18
CA THR A 59 -15.36 -14.16 14.29
C THR A 59 -15.76 -14.03 15.75
N ARG A 60 -15.16 -14.82 16.62
CA ARG A 60 -15.63 -14.88 18.02
C ARG A 60 -15.35 -13.54 18.70
N ILE A 61 -14.15 -13.03 18.60
CA ILE A 61 -13.72 -11.79 19.31
C ILE A 61 -14.59 -10.63 18.82
N SER A 62 -14.81 -10.55 17.51
CA SER A 62 -15.52 -9.41 16.88
C SER A 62 -16.98 -9.42 17.33
N PHE A 63 -17.65 -10.55 17.25
CA PHE A 63 -19.07 -10.69 17.69
C PHE A 63 -19.19 -10.41 19.19
N GLU A 64 -18.37 -11.06 19.99
CA GLU A 64 -18.40 -10.90 21.45
C GLU A 64 -18.19 -9.42 21.77
N THR A 65 -17.24 -8.77 21.12
CA THR A 65 -16.93 -7.35 21.42
C THR A 65 -18.14 -6.51 21.01
N GLY A 66 -18.76 -6.85 19.87
CA GLY A 66 -19.85 -6.06 19.31
C GLY A 66 -21.06 -6.08 20.24
N MET A 67 -21.54 -7.28 20.58
CA MET A 67 -22.75 -7.44 21.41
C MET A 67 -22.53 -6.79 22.78
N GLY A 68 -21.37 -6.95 23.38
CA GLY A 68 -20.95 -6.26 24.60
C GLY A 68 -21.06 -4.74 24.48
N GLN A 69 -20.51 -4.15 23.42
CA GLN A 69 -20.56 -2.67 23.23
C GLN A 69 -22.02 -2.23 23.17
N PHE A 70 -22.90 -3.07 22.65
CA PHE A 70 -24.35 -2.77 22.52
C PHE A 70 -25.12 -3.03 23.81
N GLY A 71 -24.44 -3.47 24.87
CA GLY A 71 -25.02 -3.65 26.21
C GLY A 71 -25.58 -5.06 26.40
N GLY A 72 -25.45 -5.93 25.40
CA GLY A 72 -25.92 -7.32 25.52
C GLY A 72 -24.81 -8.24 26.01
N ASN A 73 -25.02 -9.54 25.91
CA ASN A 73 -24.05 -10.57 26.32
C ASN A 73 -23.97 -11.60 25.18
N ALA A 74 -22.82 -12.23 25.03
CA ALA A 74 -22.59 -13.26 24.00
C ALA A 74 -22.29 -14.57 24.74
N ILE A 75 -22.94 -15.67 24.36
CA ILE A 75 -22.67 -17.02 24.86
C ILE A 75 -21.88 -17.75 23.77
N PHE A 76 -20.68 -18.19 24.16
CA PHE A 76 -19.68 -18.89 23.31
C PHE A 76 -19.91 -20.39 23.45
N LEU A 77 -20.60 -21.02 22.51
CA LEU A 77 -20.67 -22.51 22.39
C LEU A 77 -19.58 -23.00 21.42
N SER A 78 -18.57 -23.65 21.99
CA SER A 78 -17.44 -24.28 21.27
C SER A 78 -17.91 -25.59 20.64
N PRO A 79 -17.16 -26.14 19.65
CA PRO A 79 -17.67 -27.26 18.84
C PRO A 79 -18.40 -28.31 19.71
N ASN A 80 -17.65 -29.02 20.56
CA ASN A 80 -18.13 -30.20 21.34
C ASN A 80 -18.72 -29.70 22.66
N ASP A 81 -19.65 -28.74 22.58
CA ASP A 81 -20.54 -28.28 23.68
C ASP A 81 -21.96 -28.76 23.39
N THR A 82 -22.50 -28.35 22.23
CA THR A 82 -23.91 -28.61 21.80
C THR A 82 -23.88 -29.49 20.54
N GLN A 83 -24.94 -30.26 20.32
CA GLN A 83 -25.07 -31.28 19.24
C GLN A 83 -25.52 -30.64 17.93
N LEU A 84 -24.63 -30.65 16.95
CA LEU A 84 -24.88 -30.08 15.60
C LEU A 84 -25.05 -31.22 14.58
N GLY A 85 -25.11 -32.47 15.02
CA GLY A 85 -25.35 -33.63 14.14
C GLY A 85 -26.63 -33.44 13.32
N ARG A 86 -26.57 -33.74 12.02
CA ARG A 86 -27.75 -33.62 11.10
C ARG A 86 -28.93 -34.38 11.70
N GLY A 87 -30.16 -33.94 11.40
CA GLY A 87 -31.41 -34.47 11.97
C GLY A 87 -31.83 -33.73 13.23
N GLU A 88 -32.49 -34.43 14.15
CA GLU A 88 -33.07 -33.94 15.44
C GLU A 88 -32.01 -33.23 16.30
N PRO A 89 -30.78 -33.76 16.48
CA PRO A 89 -29.77 -33.05 17.28
C PRO A 89 -29.62 -31.57 16.87
N LEU A 90 -29.65 -31.28 15.56
CA LEU A 90 -29.54 -29.93 14.95
C LEU A 90 -30.80 -29.09 15.27
N GLU A 91 -32.00 -29.66 15.05
CA GLU A 91 -33.30 -28.92 15.04
C GLU A 91 -33.74 -28.60 16.46
N ASP A 92 -33.29 -29.42 17.41
CA ASP A 92 -33.64 -29.32 18.84
C ASP A 92 -32.66 -28.34 19.51
N SER A 93 -31.37 -28.38 19.16
CA SER A 93 -30.39 -27.30 19.49
C SER A 93 -30.98 -25.91 19.12
N ALA A 94 -31.66 -25.81 17.96
CA ALA A 94 -32.14 -24.55 17.35
C ALA A 94 -33.30 -23.96 18.15
N ARG A 95 -34.35 -24.76 18.35
CA ARG A 95 -35.63 -24.37 19.01
C ARG A 95 -35.38 -23.95 20.47
N VAL A 96 -34.51 -24.67 21.17
CA VAL A 96 -34.23 -24.52 22.63
C VAL A 96 -33.28 -23.33 22.82
N ILE A 97 -32.25 -23.21 22.00
CA ILE A 97 -31.28 -22.09 22.15
C ILE A 97 -32.00 -20.79 21.81
N SER A 98 -32.91 -20.81 20.85
CA SER A 98 -33.60 -19.61 20.37
C SER A 98 -34.76 -19.24 21.31
N SER A 99 -35.17 -20.13 22.22
CA SER A 99 -36.22 -19.83 23.24
C SER A 99 -35.56 -19.03 24.37
N MET A 100 -34.22 -19.08 24.44
CA MET A 100 -33.43 -18.44 25.51
C MET A 100 -32.70 -17.18 25.02
N VAL A 101 -32.10 -17.17 23.83
CA VAL A 101 -31.26 -16.03 23.36
C VAL A 101 -32.05 -15.22 22.32
N ASP A 102 -31.53 -14.10 21.84
CA ASP A 102 -32.32 -13.16 21.00
C ASP A 102 -31.82 -13.22 19.54
N ILE A 103 -30.62 -13.75 19.32
CA ILE A 103 -29.96 -13.80 17.99
C ILE A 103 -28.86 -14.86 18.08
N ILE A 104 -28.65 -15.60 17.01
CA ILE A 104 -27.62 -16.68 16.96
C ILE A 104 -26.70 -16.40 15.77
N MET A 105 -25.39 -16.43 15.98
CA MET A 105 -24.44 -16.60 14.85
C MET A 105 -23.99 -18.07 14.84
N ILE A 106 -23.81 -18.63 13.65
CA ILE A 106 -23.39 -20.03 13.43
C ILE A 106 -22.21 -20.02 12.47
N ARG A 107 -21.17 -20.76 12.81
CA ARG A 107 -20.04 -21.13 11.92
C ARG A 107 -20.11 -22.65 11.76
N THR A 108 -20.54 -23.12 10.59
CA THR A 108 -20.65 -24.55 10.21
C THR A 108 -20.01 -24.73 8.82
N PHE A 109 -20.17 -25.90 8.19
CA PHE A 109 -19.68 -26.14 6.81
C PHE A 109 -20.84 -26.60 5.93
N GLY A 110 -21.81 -27.37 6.45
CA GLY A 110 -23.08 -27.61 5.76
C GLY A 110 -23.79 -26.31 5.40
N HIS A 111 -24.08 -26.08 4.11
CA HIS A 111 -24.96 -24.98 3.61
C HIS A 111 -26.42 -25.40 3.86
N GLU A 112 -26.71 -26.70 3.90
CA GLU A 112 -28.02 -27.27 4.30
C GLU A 112 -28.15 -27.23 5.83
N LYS A 113 -27.04 -27.28 6.58
CA LYS A 113 -27.11 -27.26 8.06
C LYS A 113 -27.59 -25.88 8.54
N VAL A 114 -27.05 -24.81 7.99
CA VAL A 114 -27.39 -23.44 8.46
C VAL A 114 -28.87 -23.19 8.10
N GLU A 115 -29.34 -23.64 6.94
CA GLU A 115 -30.76 -23.49 6.51
C GLU A 115 -31.67 -24.25 7.47
N THR A 116 -31.30 -25.46 7.89
CA THR A 116 -32.18 -26.25 8.78
C THR A 116 -32.21 -25.55 10.16
N PHE A 117 -31.07 -25.14 10.66
CA PHE A 117 -30.98 -24.44 11.95
C PHE A 117 -31.97 -23.27 11.89
N ALA A 118 -31.88 -22.45 10.83
CA ALA A 118 -32.74 -21.26 10.64
C ALA A 118 -34.23 -21.64 10.67
N GLU A 119 -34.63 -22.73 10.01
CA GLU A 119 -36.08 -23.11 9.88
C GLU A 119 -36.72 -23.32 11.26
N TYR A 120 -35.98 -23.86 12.21
CA TYR A 120 -36.47 -24.20 13.58
C TYR A 120 -36.10 -23.11 14.61
N SER A 121 -35.44 -22.02 14.21
CA SER A 121 -35.07 -20.92 15.13
C SER A 121 -36.24 -19.94 15.24
N SER A 122 -36.64 -19.57 16.46
CA SER A 122 -37.60 -18.46 16.70
C SER A 122 -36.85 -17.13 16.58
N VAL A 123 -35.51 -17.13 16.43
CA VAL A 123 -34.72 -15.86 16.39
C VAL A 123 -33.82 -15.80 15.16
N PRO A 124 -33.42 -14.58 14.77
CA PRO A 124 -32.55 -14.38 13.62
C PRO A 124 -31.23 -15.16 13.72
N ILE A 125 -30.84 -15.77 12.60
CA ILE A 125 -29.59 -16.55 12.46
C ILE A 125 -28.68 -15.73 11.57
N ILE A 126 -27.44 -15.60 11.99
CA ILE A 126 -26.34 -15.04 11.16
C ILE A 126 -25.43 -16.19 10.81
N ASN A 127 -25.25 -16.43 9.52
CA ASN A 127 -24.21 -17.34 8.98
C ASN A 127 -22.93 -16.52 8.83
N ALA A 128 -22.00 -16.64 9.76
CA ALA A 128 -20.81 -15.76 9.85
C ALA A 128 -19.86 -16.08 8.70
N LEU A 129 -19.71 -17.39 8.49
CA LEU A 129 -18.87 -18.00 7.46
C LEU A 129 -19.18 -19.49 7.43
N THR A 130 -19.04 -20.01 6.24
CA THR A 130 -19.15 -21.43 5.92
C THR A 130 -17.77 -21.78 5.37
N ASP A 131 -17.57 -22.99 4.83
CA ASP A 131 -16.30 -23.40 4.19
C ASP A 131 -16.20 -22.73 2.79
N ASP A 132 -17.30 -22.33 2.16
CA ASP A 132 -17.34 -21.74 0.77
C ASP A 132 -17.53 -20.20 0.74
N TYR A 133 -18.23 -19.62 1.71
CA TYR A 133 -18.73 -18.22 1.69
C TYR A 133 -18.41 -17.55 3.01
N HIS A 134 -18.02 -16.29 2.95
CA HIS A 134 -17.56 -15.48 4.11
C HIS A 134 -18.38 -14.20 4.19
N PRO A 135 -19.68 -14.27 4.47
CA PRO A 135 -20.54 -13.10 4.29
C PRO A 135 -20.23 -11.95 5.28
N CYS A 136 -19.84 -12.25 6.52
CA CYS A 136 -19.42 -11.23 7.51
C CYS A 136 -18.12 -10.54 7.06
N GLN A 137 -17.14 -11.29 6.57
CA GLN A 137 -15.89 -10.65 6.10
C GLN A 137 -16.21 -9.83 4.85
N LEU A 138 -17.11 -10.34 4.03
CA LEU A 138 -17.43 -9.57 2.82
C LEU A 138 -18.10 -8.25 3.20
N LEU A 139 -19.06 -8.23 4.12
CA LEU A 139 -19.64 -6.96 4.63
C LEU A 139 -18.53 -6.03 5.17
N ALA A 140 -17.56 -6.56 5.92
CA ALA A 140 -16.46 -5.74 6.47
C ALA A 140 -15.62 -5.17 5.31
N ASP A 141 -15.34 -5.98 4.30
CA ASP A 141 -14.60 -5.51 3.08
C ASP A 141 -15.39 -4.39 2.36
N MET A 142 -16.70 -4.53 2.20
CA MET A 142 -17.49 -3.48 1.51
C MET A 142 -17.56 -2.22 2.39
N GLN A 143 -17.65 -2.35 3.73
CA GLN A 143 -17.59 -1.16 4.62
C GLN A 143 -16.28 -0.41 4.38
N THR A 144 -15.18 -1.17 4.29
CA THR A 144 -13.82 -0.62 4.28
C THR A 144 -13.63 0.17 2.97
N TYR A 145 -14.01 -0.41 1.85
CA TYR A 145 -14.04 0.29 0.55
C TYR A 145 -14.86 1.59 0.70
N TYR A 146 -16.12 1.50 1.12
CA TYR A 146 -17.03 2.66 1.28
C TYR A 146 -16.37 3.80 2.08
N GLU A 147 -15.73 3.47 3.21
CA GLU A 147 -15.09 4.45 4.12
C GLU A 147 -13.93 5.16 3.44
N HIS A 148 -13.22 4.51 2.56
CA HIS A 148 -12.01 5.13 1.96
C HIS A 148 -12.37 5.80 0.62
N ARG A 149 -13.40 5.32 -0.11
CA ARG A 149 -13.69 5.75 -1.51
C ARG A 149 -15.18 5.89 -1.79
N GLY A 150 -16.06 5.80 -0.81
CA GLY A 150 -17.49 5.90 -1.11
C GLY A 150 -18.00 4.66 -1.84
N SER A 151 -19.12 4.83 -2.52
CA SER A 151 -19.92 3.79 -3.18
C SER A 151 -19.08 2.99 -4.19
N ILE A 152 -19.24 1.68 -4.18
CA ILE A 152 -18.55 0.74 -5.09
C ILE A 152 -19.43 0.45 -6.33
N GLU A 153 -20.65 0.97 -6.36
CA GLU A 153 -21.57 0.78 -7.53
C GLU A 153 -20.89 1.27 -8.81
N ASN A 154 -20.94 0.48 -9.88
CA ASN A 154 -20.30 0.78 -11.19
C ASN A 154 -18.78 0.94 -11.05
N LYS A 155 -18.15 0.37 -10.03
CA LYS A 155 -16.67 0.37 -9.95
C LYS A 155 -16.16 -0.95 -10.49
N ILE A 156 -14.84 -1.05 -10.64
CA ILE A 156 -14.14 -2.26 -11.15
C ILE A 156 -13.37 -2.85 -9.99
N VAL A 157 -13.61 -4.13 -9.72
CA VAL A 157 -12.90 -4.88 -8.66
C VAL A 157 -12.10 -5.99 -9.33
N THR A 158 -10.85 -6.16 -8.94
CA THR A 158 -9.97 -7.21 -9.47
C THR A 158 -9.55 -8.12 -8.33
N TRP A 159 -10.05 -9.35 -8.39
CA TRP A 159 -9.63 -10.51 -7.57
C TRP A 159 -8.38 -11.12 -8.19
N VAL A 160 -7.29 -11.22 -7.43
CA VAL A 160 -6.02 -11.84 -7.87
C VAL A 160 -5.77 -13.07 -6.99
N GLY A 161 -5.77 -14.26 -7.62
CA GLY A 161 -5.47 -15.58 -7.03
C GLY A 161 -6.45 -16.65 -7.50
N ASP A 162 -6.59 -17.73 -6.74
CA ASP A 162 -7.44 -18.88 -7.11
C ASP A 162 -8.89 -18.59 -6.73
N GLY A 163 -9.76 -19.62 -6.89
CA GLY A 163 -11.21 -19.62 -6.57
C GLY A 163 -11.52 -19.99 -5.14
N ASN A 164 -10.54 -20.04 -4.24
CA ASN A 164 -10.74 -20.34 -2.81
C ASN A 164 -10.88 -19.05 -1.99
N ASN A 165 -11.09 -19.22 -0.69
CA ASN A 165 -11.05 -18.12 0.29
C ASN A 165 -12.26 -17.25 -0.08
N MET A 166 -12.06 -15.95 -0.27
CA MET A 166 -13.21 -15.04 -0.43
C MET A 166 -13.61 -14.85 -1.91
N CYS A 167 -13.05 -15.62 -2.83
CA CYS A 167 -13.33 -15.44 -4.27
C CYS A 167 -14.82 -15.47 -4.56
N SER A 168 -15.50 -16.56 -4.15
CA SER A 168 -16.95 -16.74 -4.38
C SER A 168 -17.76 -15.62 -3.71
N SER A 169 -17.36 -15.21 -2.51
CA SER A 169 -18.03 -14.08 -1.82
C SER A 169 -17.93 -12.82 -2.70
N PHE A 170 -16.78 -12.54 -3.32
CA PHE A 170 -16.61 -11.34 -4.17
C PHE A 170 -17.49 -11.48 -5.42
N MET A 171 -17.49 -12.65 -6.05
CA MET A 171 -18.30 -12.94 -7.25
C MET A 171 -19.77 -12.70 -6.90
N GLN A 172 -20.22 -13.23 -5.77
CA GLN A 172 -21.62 -13.06 -5.29
C GLN A 172 -21.90 -11.58 -5.05
N ALA A 173 -20.95 -10.84 -4.47
CA ALA A 173 -21.13 -9.42 -4.07
C ALA A 173 -21.22 -8.54 -5.31
N ALA A 174 -20.52 -8.87 -6.40
CA ALA A 174 -20.49 -8.07 -7.64
C ALA A 174 -21.91 -7.66 -8.01
N ASN A 175 -22.83 -8.62 -8.06
CA ASN A 175 -24.21 -8.41 -8.55
C ASN A 175 -24.98 -7.55 -7.55
N GLN A 176 -24.82 -7.85 -6.28
CA GLN A 176 -25.60 -7.26 -5.18
C GLN A 176 -25.21 -5.82 -4.89
N PHE A 177 -23.90 -5.52 -4.88
CA PHE A 177 -23.36 -4.17 -4.64
C PHE A 177 -23.17 -3.42 -5.97
N GLY A 178 -23.42 -4.07 -7.11
CA GLY A 178 -23.39 -3.45 -8.45
C GLY A 178 -21.99 -3.17 -9.01
N PHE A 179 -20.97 -3.99 -8.73
CA PHE A 179 -19.63 -3.78 -9.33
C PHE A 179 -19.34 -4.87 -10.35
N GLU A 180 -18.34 -4.58 -11.16
CA GLU A 180 -17.72 -5.45 -12.19
C GLU A 180 -16.53 -6.14 -11.53
N LEU A 181 -16.47 -7.46 -11.57
CA LEU A 181 -15.33 -8.21 -11.02
C LEU A 181 -14.57 -8.91 -12.14
N ARG A 182 -13.26 -8.73 -12.13
CA ARG A 182 -12.30 -9.59 -12.87
C ARG A 182 -11.58 -10.53 -11.90
N VAL A 183 -11.60 -11.80 -12.24
CA VAL A 183 -10.81 -12.84 -11.55
C VAL A 183 -9.55 -13.07 -12.36
N ALA A 184 -8.41 -12.65 -11.84
CA ALA A 184 -7.07 -12.92 -12.37
C ALA A 184 -6.53 -14.14 -11.63
N ALA A 185 -6.76 -15.32 -12.22
CA ALA A 185 -6.45 -16.64 -11.65
C ALA A 185 -5.33 -17.30 -12.46
N PRO A 186 -4.31 -17.92 -11.82
CA PRO A 186 -3.26 -18.62 -12.55
C PRO A 186 -3.88 -19.81 -13.28
N TYR A 187 -3.34 -20.09 -14.46
CA TYR A 187 -3.65 -21.30 -15.27
C TYR A 187 -3.67 -22.52 -14.36
N GLY A 188 -4.78 -23.24 -14.32
CA GLY A 188 -4.93 -24.49 -13.55
C GLY A 188 -5.46 -24.25 -12.15
N PHE A 189 -5.77 -23.00 -11.80
CA PHE A 189 -6.26 -22.60 -10.46
C PHE A 189 -7.44 -21.63 -10.62
N GLU A 190 -8.16 -21.74 -11.74
CA GLU A 190 -9.35 -20.90 -12.01
C GLU A 190 -10.50 -21.38 -11.14
N PRO A 191 -11.49 -20.52 -10.78
CA PRO A 191 -12.69 -20.96 -10.10
C PRO A 191 -13.47 -21.99 -10.94
N ASP A 192 -14.36 -22.76 -10.29
CA ASP A 192 -15.37 -23.64 -10.94
C ASP A 192 -16.08 -22.91 -12.06
N PRO A 193 -16.05 -23.44 -13.31
CA PRO A 193 -16.81 -22.85 -14.42
C PRO A 193 -18.29 -22.64 -14.07
N LYS A 194 -18.89 -23.59 -13.35
CA LYS A 194 -20.34 -23.55 -13.01
C LYS A 194 -20.61 -22.26 -12.21
N LEU A 195 -19.75 -21.91 -11.24
CA LEU A 195 -19.78 -20.62 -10.48
C LEU A 195 -19.67 -19.43 -11.43
N MET A 196 -18.61 -19.40 -12.23
CA MET A 196 -18.35 -18.30 -13.21
C MET A 196 -19.64 -18.04 -13.99
N GLU A 197 -20.29 -19.11 -14.45
CA GLU A 197 -21.51 -19.08 -15.27
C GLU A 197 -22.65 -18.46 -14.46
N ARG A 198 -22.80 -18.86 -13.20
CA ARG A 198 -23.82 -18.32 -12.26
C ARG A 198 -23.69 -16.79 -12.18
N PHE A 199 -22.47 -16.26 -12.12
CA PHE A 199 -22.21 -14.82 -11.93
C PHE A 199 -21.63 -14.21 -13.21
N SER A 200 -21.86 -14.87 -14.35
CA SER A 200 -21.29 -14.46 -15.67
C SER A 200 -21.74 -13.04 -16.03
N HIS A 201 -22.89 -12.57 -15.51
CA HIS A 201 -23.37 -11.18 -15.74
C HIS A 201 -22.33 -10.14 -15.30
N CYS A 202 -21.71 -10.29 -14.13
CA CYS A 202 -20.95 -9.20 -13.45
C CYS A 202 -19.46 -9.51 -13.36
N VAL A 203 -19.10 -10.76 -13.67
CA VAL A 203 -17.80 -11.40 -13.34
C VAL A 203 -17.19 -11.93 -14.64
N SER A 204 -15.90 -11.73 -14.86
CA SER A 204 -15.15 -12.26 -16.02
C SER A 204 -13.81 -12.82 -15.54
N LEU A 205 -13.36 -13.86 -16.23
CA LEU A 205 -12.08 -14.54 -15.97
C LEU A 205 -11.02 -13.94 -16.89
N VAL A 206 -9.88 -13.49 -16.34
CA VAL A 206 -8.81 -12.74 -17.07
C VAL A 206 -7.44 -13.25 -16.60
N GLU A 207 -6.71 -13.97 -17.45
CA GLU A 207 -5.41 -14.61 -17.11
C GLU A 207 -4.36 -13.57 -16.79
N ASN A 208 -4.27 -12.54 -17.63
CA ASN A 208 -3.21 -11.52 -17.53
C ASN A 208 -3.53 -10.55 -16.37
N VAL A 209 -2.75 -10.61 -15.28
CA VAL A 209 -3.03 -9.84 -14.03
C VAL A 209 -2.85 -8.34 -14.31
N GLN A 210 -1.80 -7.97 -15.03
CA GLN A 210 -1.58 -6.60 -15.59
C GLN A 210 -2.86 -6.08 -16.27
N ASP A 211 -3.49 -6.85 -17.16
CA ASP A 211 -4.72 -6.37 -17.86
C ASP A 211 -5.88 -6.31 -16.86
N ALA A 212 -6.02 -7.31 -15.99
CA ALA A 212 -7.13 -7.37 -14.98
C ALA A 212 -7.09 -6.12 -14.09
N ALA A 213 -5.88 -5.63 -13.78
CA ALA A 213 -5.65 -4.51 -12.83
C ALA A 213 -6.05 -3.17 -13.45
N LYS A 214 -5.96 -3.06 -14.77
CA LYS A 214 -6.27 -1.85 -15.58
C LYS A 214 -7.57 -1.20 -15.12
N ASP A 215 -7.47 0.02 -14.59
CA ASP A 215 -8.63 0.84 -14.18
C ASP A 215 -9.29 0.26 -12.93
N ALA A 216 -8.64 -0.60 -12.15
CA ALA A 216 -9.31 -1.24 -10.98
C ALA A 216 -9.40 -0.18 -9.89
N ASN A 217 -10.52 -0.18 -9.18
CA ASN A 217 -10.80 0.66 -7.99
C ASN A 217 -10.46 -0.07 -6.70
N LEU A 218 -10.55 -1.40 -6.72
CA LEU A 218 -10.19 -2.28 -5.60
C LEU A 218 -9.50 -3.49 -6.19
N ILE A 219 -8.30 -3.73 -5.72
CA ILE A 219 -7.57 -5.01 -5.94
C ILE A 219 -7.60 -5.79 -4.62
N VAL A 220 -8.07 -7.04 -4.71
CA VAL A 220 -8.15 -7.97 -3.57
C VAL A 220 -7.51 -9.32 -3.94
N THR A 221 -6.74 -9.90 -3.02
CA THR A 221 -5.94 -11.13 -3.31
C THR A 221 -5.93 -12.10 -2.13
N ASP A 222 -5.84 -13.39 -2.43
CA ASP A 222 -5.52 -14.47 -1.45
C ASP A 222 -4.14 -15.05 -1.79
N VAL A 223 -3.30 -14.34 -2.55
CA VAL A 223 -1.94 -14.83 -2.92
C VAL A 223 -0.97 -14.39 -1.82
N TRP A 224 -0.36 -15.38 -1.16
CA TRP A 224 0.54 -15.20 0.00
C TRP A 224 1.96 -15.06 -0.53
N ALA A 225 2.70 -14.08 -0.03
CA ALA A 225 4.14 -13.79 -0.32
C ALA A 225 5.00 -15.06 -0.21
N SER A 226 6.13 -15.09 -0.93
CA SER A 226 7.13 -16.19 -0.93
C SER A 226 8.47 -15.66 -0.42
N ARG A 236 3.99 -24.65 -7.57
CA ARG A 236 2.80 -23.89 -7.08
C ARG A 236 3.19 -22.42 -6.89
N ALA A 237 4.13 -22.15 -5.98
CA ALA A 237 4.73 -20.82 -5.74
C ALA A 237 5.28 -20.26 -7.06
N ARG A 238 5.92 -21.11 -7.86
CA ARG A 238 6.39 -20.71 -9.22
C ARG A 238 5.16 -20.21 -9.99
N ARG A 239 4.06 -20.96 -9.97
CA ARG A 239 2.83 -20.67 -10.78
C ARG A 239 2.13 -19.38 -10.27
N PHE A 240 2.12 -19.13 -8.96
CA PHE A 240 1.49 -17.94 -8.35
C PHE A 240 2.40 -16.71 -8.40
N ALA A 241 3.70 -16.86 -8.65
CA ALA A 241 4.71 -15.76 -8.51
C ALA A 241 4.30 -14.53 -9.31
N PRO A 242 3.75 -14.66 -10.54
CA PRO A 242 3.34 -13.49 -11.33
C PRO A 242 2.03 -12.87 -10.83
N TYR A 243 1.36 -13.55 -9.88
CA TYR A 243 0.04 -13.16 -9.30
C TYR A 243 0.27 -12.56 -7.91
N GLN A 244 1.53 -12.39 -7.53
CA GLN A 244 1.91 -11.68 -6.29
C GLN A 244 1.49 -10.23 -6.47
N VAL A 245 0.67 -9.67 -5.60
CA VAL A 245 0.31 -8.23 -5.77
C VAL A 245 1.45 -7.40 -5.17
N THR A 246 1.99 -6.49 -5.97
CA THR A 246 3.10 -5.59 -5.58
C THR A 246 2.64 -4.16 -5.76
N PRO A 247 3.41 -3.21 -5.21
CA PRO A 247 3.21 -1.80 -5.54
C PRO A 247 3.19 -1.60 -7.06
N SER A 248 4.06 -2.32 -7.78
CA SER A 248 4.14 -2.31 -9.27
C SER A 248 2.76 -2.57 -9.88
N LEU A 249 2.10 -3.65 -9.45
CA LEU A 249 0.76 -4.02 -9.99
C LEU A 249 -0.22 -2.89 -9.68
N LEU A 250 -0.21 -2.36 -8.45
CA LEU A 250 -1.15 -1.27 -8.04
C LEU A 250 -0.97 -0.05 -8.95
N ASP A 251 0.27 0.20 -9.44
CA ASP A 251 0.59 1.36 -10.33
C ASP A 251 -0.20 1.26 -11.64
N LYS A 252 -0.64 0.07 -12.05
CA LYS A 252 -1.39 -0.13 -13.31
C LYS A 252 -2.89 0.05 -13.11
N ALA A 253 -3.33 0.28 -11.87
CA ALA A 253 -4.77 0.40 -11.55
C ALA A 253 -5.15 1.88 -11.63
N ASP A 254 -6.42 2.18 -11.40
CA ASP A 254 -6.90 3.56 -11.16
C ASP A 254 -6.05 4.18 -10.06
N PRO A 255 -5.68 5.48 -10.18
CA PRO A 255 -4.91 6.14 -9.12
C PRO A 255 -5.61 6.14 -7.75
N GLU A 256 -6.93 6.02 -7.72
CA GLU A 256 -7.78 5.87 -6.50
C GLU A 256 -7.88 4.41 -6.04
N VAL A 257 -7.08 3.50 -6.58
CA VAL A 257 -7.24 2.06 -6.25
C VAL A 257 -7.03 1.87 -4.74
N VAL A 258 -7.80 1.01 -4.08
CA VAL A 258 -7.37 0.52 -2.73
C VAL A 258 -7.01 -0.96 -2.82
N PHE A 259 -6.16 -1.42 -1.91
CA PHE A 259 -5.70 -2.81 -1.87
C PHE A 259 -6.25 -3.50 -0.62
N MET A 260 -6.87 -4.67 -0.81
CA MET A 260 -7.25 -5.61 0.30
C MET A 260 -6.59 -6.95 0.10
N HIS A 261 -6.41 -7.66 1.20
CA HIS A 261 -5.79 -9.00 1.24
C HIS A 261 -6.60 -9.86 2.19
N CYS A 262 -6.97 -11.09 1.78
CA CYS A 262 -7.59 -12.05 2.73
C CYS A 262 -6.69 -12.03 3.97
N LEU A 263 -7.28 -12.04 5.14
CA LEU A 263 -6.48 -12.01 6.39
C LEU A 263 -5.93 -13.41 6.61
N PRO A 264 -4.76 -13.57 7.26
CA PRO A 264 -4.20 -14.88 7.57
C PRO A 264 -5.17 -15.86 8.28
N ALA A 265 -5.29 -17.06 7.72
CA ALA A 265 -6.15 -18.18 8.17
C ALA A 265 -5.32 -19.36 8.71
N HIS A 266 -4.14 -19.61 8.13
CA HIS A 266 -3.25 -20.75 8.49
C HIS A 266 -1.85 -20.25 8.79
N ARG A 267 -1.09 -21.01 9.55
CA ARG A 267 0.35 -20.77 9.83
C ARG A 267 1.13 -20.61 8.51
N GLY A 268 2.06 -19.66 8.48
CA GLY A 268 2.90 -19.36 7.32
C GLY A 268 2.32 -18.26 6.44
N GLU A 269 1.00 -18.05 6.45
CA GLU A 269 0.31 -16.95 5.71
C GLU A 269 0.65 -15.61 6.36
N GLU A 270 1.53 -14.85 5.73
CA GLU A 270 1.91 -13.46 6.07
C GLU A 270 1.70 -12.60 4.83
N ILE A 271 1.33 -11.35 5.06
CA ILE A 271 1.25 -10.28 4.02
C ILE A 271 2.54 -9.49 4.12
N SER A 272 3.22 -9.22 3.00
CA SER A 272 4.47 -8.41 2.96
C SER A 272 4.25 -7.09 3.72
N HIS A 273 5.31 -6.55 4.30
CA HIS A 273 5.36 -5.18 4.88
C HIS A 273 5.05 -4.14 3.81
N ASP A 274 5.55 -4.33 2.58
CA ASP A 274 5.37 -3.37 1.47
C ASP A 274 3.87 -3.17 1.30
N MET A 275 3.09 -4.25 1.28
CA MET A 275 1.64 -4.15 0.96
C MET A 275 0.87 -3.62 2.16
N LEU A 276 1.15 -4.09 3.38
CA LEU A 276 0.53 -3.55 4.63
C LEU A 276 0.81 -2.04 4.78
N ASN A 277 2.02 -1.55 4.48
CA ASN A 277 2.47 -0.15 4.72
C ASN A 277 2.17 0.75 3.51
N ASP A 278 1.90 0.17 2.33
CA ASP A 278 1.57 0.96 1.12
C ASP A 278 0.35 1.81 1.44
N PRO A 279 0.34 3.09 1.03
CA PRO A 279 -0.74 4.02 1.40
C PRO A 279 -2.12 3.63 0.82
N ARG A 280 -2.14 2.80 -0.24
CA ARG A 280 -3.38 2.31 -0.91
C ARG A 280 -3.96 1.08 -0.16
N SER A 281 -3.22 0.51 0.81
CA SER A 281 -3.59 -0.72 1.57
C SER A 281 -4.57 -0.36 2.68
N VAL A 282 -5.69 -1.10 2.79
CA VAL A 282 -6.74 -0.89 3.82
C VAL A 282 -6.93 -2.21 4.59
N VAL A 283 -5.89 -3.02 4.65
CA VAL A 283 -5.91 -4.36 5.31
C VAL A 283 -6.34 -4.22 6.77
N TRP A 284 -5.84 -3.22 7.51
CA TRP A 284 -6.08 -3.16 8.99
C TRP A 284 -7.53 -2.78 9.26
N ASP A 285 -8.14 -1.98 8.38
CA ASP A 285 -9.57 -1.63 8.45
C ASP A 285 -10.42 -2.88 8.14
N GLU A 286 -10.03 -3.70 7.17
CA GLU A 286 -10.71 -4.99 6.87
C GLU A 286 -10.91 -5.78 8.15
N ALA A 287 -9.86 -5.91 8.97
CA ALA A 287 -9.92 -6.70 10.24
C ALA A 287 -10.77 -5.97 11.28
N GLU A 288 -10.58 -4.67 11.47
CA GLU A 288 -11.30 -3.93 12.53
C GLU A 288 -12.79 -3.94 12.18
N ASN A 289 -13.13 -3.73 10.93
CA ASN A 289 -14.53 -3.54 10.49
C ASN A 289 -15.38 -4.83 10.59
N ARG A 290 -14.80 -6.01 10.83
CA ARG A 290 -15.64 -7.16 11.27
C ARG A 290 -16.45 -6.73 12.49
N LEU A 291 -15.86 -5.95 13.38
CA LEU A 291 -16.58 -5.49 14.60
C LEU A 291 -17.79 -4.66 14.19
N HIS A 292 -17.57 -3.60 13.41
CA HIS A 292 -18.59 -2.57 13.09
C HIS A 292 -19.62 -3.15 12.12
N ALA A 293 -19.20 -3.87 11.08
CA ALA A 293 -20.15 -4.45 10.08
C ALA A 293 -21.11 -5.41 10.79
N GLN A 294 -20.61 -6.22 11.72
CA GLN A 294 -21.44 -7.22 12.43
C GLN A 294 -22.36 -6.47 13.39
N LYS A 295 -21.89 -5.42 14.04
CA LYS A 295 -22.82 -4.61 14.87
C LYS A 295 -23.96 -4.09 14.00
N ALA A 296 -23.66 -3.55 12.81
CA ALA A 296 -24.71 -3.01 11.88
C ALA A 296 -25.69 -4.15 11.55
N LEU A 297 -25.18 -5.34 11.31
CA LEU A 297 -26.01 -6.51 10.94
C LEU A 297 -26.91 -6.91 12.11
N MET A 298 -26.35 -7.02 13.30
CA MET A 298 -27.17 -7.46 14.45
C MET A 298 -28.26 -6.41 14.69
N GLU A 299 -27.90 -5.13 14.61
CA GLU A 299 -28.86 -4.01 14.78
C GLU A 299 -29.99 -4.13 13.76
N PHE A 300 -29.67 -4.39 12.50
CA PHE A 300 -30.66 -4.57 11.41
C PHE A 300 -31.61 -5.74 11.71
N LEU A 301 -31.09 -6.89 12.12
CA LEU A 301 -31.90 -8.12 12.26
C LEU A 301 -32.77 -7.99 13.49
N LEU A 302 -32.36 -7.23 14.51
CA LEU A 302 -33.15 -7.05 15.75
C LEU A 302 -33.78 -5.65 15.86
N LYS A 303 -33.92 -4.92 14.75
CA LYS A 303 -34.35 -3.50 14.81
C LYS A 303 -35.74 -3.38 15.48
N ASP A 304 -36.62 -4.37 15.35
CA ASP A 304 -37.99 -4.26 15.93
C ASP A 304 -37.91 -4.43 17.45
N LYS A 305 -36.77 -4.84 18.01
CA LYS A 305 -36.50 -4.83 19.48
C LYS A 305 -35.86 -3.51 19.88
N ILE A 306 -35.59 -2.61 18.94
CA ILE A 306 -34.87 -1.36 19.32
C ILE A 306 -35.85 -0.18 19.41
N LYS A 307 -35.99 0.33 20.65
CA LYS A 307 -36.38 1.70 21.11
C LYS A 307 -37.86 1.70 21.46
N SER B 5 5.52 -7.97 -14.38
CA SER B 5 6.55 -8.12 -15.46
C SER B 5 7.01 -6.72 -15.94
N LEU B 6 6.07 -5.82 -16.28
CA LEU B 6 6.35 -4.38 -16.52
C LEU B 6 6.55 -3.68 -15.17
N ARG B 7 7.73 -3.14 -14.94
CA ARG B 7 8.08 -2.44 -13.68
C ARG B 7 8.21 -0.95 -13.98
N HIS B 8 7.63 -0.13 -13.11
CA HIS B 8 7.83 1.33 -13.04
C HIS B 8 8.63 1.65 -11.77
N PHE B 9 9.20 2.85 -11.73
CA PHE B 9 9.86 3.42 -10.52
C PHE B 9 9.23 4.78 -10.23
N LEU B 10 8.11 4.76 -9.49
CA LEU B 10 7.36 5.97 -9.05
C LEU B 10 7.77 6.34 -7.62
N THR B 11 8.21 5.36 -6.83
CA THR B 11 8.70 5.54 -5.44
C THR B 11 9.72 4.44 -5.15
N LEU B 12 10.53 4.62 -4.11
CA LEU B 12 11.47 3.59 -3.58
C LEU B 12 10.75 2.26 -3.31
N SER B 13 9.49 2.32 -2.89
CA SER B 13 8.69 1.14 -2.48
C SER B 13 8.42 0.24 -3.69
N ASP B 14 8.63 0.73 -4.92
CA ASP B 14 8.44 -0.04 -6.18
C ASP B 14 9.50 -1.15 -6.29
N LEU B 15 10.62 -1.02 -5.58
CA LEU B 15 11.71 -2.03 -5.59
C LEU B 15 11.73 -2.67 -4.20
N THR B 16 12.04 -3.96 -4.13
CA THR B 16 12.25 -4.68 -2.86
C THR B 16 13.55 -4.19 -2.23
N LYS B 17 13.70 -4.40 -0.92
CA LYS B 17 14.93 -4.17 -0.14
C LYS B 17 16.14 -4.71 -0.93
N GLN B 18 16.10 -5.98 -1.33
CA GLN B 18 17.21 -6.67 -2.02
C GLN B 18 17.49 -5.99 -3.37
N GLU B 19 16.45 -5.63 -4.14
CA GLU B 19 16.61 -4.96 -5.47
C GLU B 19 17.32 -3.62 -5.28
N LEU B 20 16.97 -2.87 -4.24
CA LEU B 20 17.62 -1.55 -3.93
C LEU B 20 19.11 -1.75 -3.60
N GLU B 21 19.43 -2.72 -2.75
CA GLU B 21 20.83 -2.99 -2.35
C GLU B 21 21.63 -3.45 -3.57
N ASN B 22 21.04 -4.30 -4.41
CA ASN B 22 21.65 -4.75 -5.70
C ASN B 22 21.83 -3.55 -6.64
N LEU B 23 20.85 -2.64 -6.70
CA LEU B 23 20.87 -1.41 -7.55
C LEU B 23 22.04 -0.51 -7.10
N ILE B 24 22.10 -0.20 -5.82
CA ILE B 24 23.20 0.63 -5.22
C ILE B 24 24.57 0.00 -5.57
N LYS B 25 24.70 -1.31 -5.40
CA LYS B 25 25.99 -2.00 -5.67
C LYS B 25 26.30 -1.95 -7.18
N ARG B 26 25.30 -2.21 -8.01
CA ARG B 26 25.45 -2.18 -9.48
C ARG B 26 25.84 -0.77 -9.94
N ALA B 27 25.34 0.27 -9.28
CA ALA B 27 25.68 1.67 -9.60
C ALA B 27 27.17 1.89 -9.38
N SER B 28 27.71 1.40 -8.25
CA SER B 28 29.14 1.59 -7.92
C SER B 28 30.01 0.91 -8.98
N GLU B 29 29.64 -0.30 -9.45
CA GLU B 29 30.36 -1.02 -10.55
C GLU B 29 30.31 -0.19 -11.85
N LEU B 30 29.17 0.38 -12.20
CA LEU B 30 29.02 1.16 -13.45
C LEU B 30 29.92 2.40 -13.40
N ARG B 31 29.96 3.07 -12.25
CA ARG B 31 30.83 4.24 -11.99
C ARG B 31 32.29 3.87 -12.27
N LYS B 32 32.78 2.78 -11.70
CA LYS B 32 34.17 2.28 -11.90
C LYS B 32 34.38 1.90 -13.37
N MET B 33 33.42 1.23 -14.00
CA MET B 33 33.52 0.88 -15.45
C MET B 33 33.63 2.15 -16.30
N GLN B 34 32.79 3.16 -16.02
CA GLN B 34 32.79 4.38 -16.87
C GLN B 34 34.10 5.13 -16.59
N HIS B 35 34.56 5.17 -15.34
CA HIS B 35 35.85 5.83 -14.96
C HIS B 35 37.05 5.16 -15.65
N ALA B 36 37.05 3.85 -15.87
CA ALA B 36 38.13 3.12 -16.58
C ALA B 36 37.99 3.20 -18.11
N GLY B 37 37.06 3.99 -18.64
CA GLY B 37 36.78 4.05 -20.09
C GLY B 37 36.24 2.73 -20.65
N GLU B 38 35.71 1.85 -19.83
CA GLU B 38 35.12 0.57 -20.31
C GLU B 38 33.80 0.86 -21.06
N ILE B 39 33.64 0.30 -22.24
CA ILE B 39 32.43 0.42 -23.11
C ILE B 39 31.42 -0.65 -22.67
N TYR B 40 30.30 -0.24 -22.11
CA TYR B 40 29.19 -1.16 -21.77
C TYR B 40 27.89 -0.57 -22.34
N GLN B 41 27.40 -1.21 -23.39
CA GLN B 41 26.30 -0.69 -24.24
C GLN B 41 25.25 -1.79 -24.39
N PRO B 42 24.51 -2.10 -23.31
CA PRO B 42 23.45 -3.10 -23.40
C PRO B 42 22.19 -2.66 -24.19
N PHE B 43 22.04 -1.38 -24.51
CA PHE B 43 20.77 -0.80 -25.04
C PHE B 43 20.98 -0.09 -26.39
N VAL B 44 21.81 -0.65 -27.26
CA VAL B 44 21.94 -0.17 -28.67
C VAL B 44 20.56 -0.31 -29.31
N GLY B 45 20.05 0.78 -29.88
CA GLY B 45 18.78 0.79 -30.64
C GLY B 45 17.59 1.13 -29.76
N ARG B 46 17.83 1.44 -28.49
CA ARG B 46 16.76 1.81 -27.53
C ARG B 46 16.75 3.32 -27.34
N THR B 47 15.65 3.80 -26.81
CA THR B 47 15.33 5.23 -26.68
C THR B 47 14.76 5.48 -25.29
N LEU B 48 15.28 6.51 -24.65
CA LEU B 48 14.75 7.10 -23.40
C LEU B 48 14.02 8.41 -23.76
N GLY B 49 12.73 8.46 -23.52
CA GLY B 49 11.94 9.70 -23.62
C GLY B 49 12.04 10.42 -22.30
N MET B 50 12.39 11.71 -22.33
CA MET B 50 12.56 12.52 -21.11
C MET B 50 11.52 13.62 -21.19
N ILE B 51 10.46 13.50 -20.39
CA ILE B 51 9.35 14.49 -20.37
C ILE B 51 9.56 15.39 -19.16
N PHE B 52 9.88 16.66 -19.42
CA PHE B 52 10.10 17.70 -18.39
C PHE B 52 8.98 18.73 -18.46
N GLU B 53 8.06 18.68 -17.50
CA GLU B 53 7.04 19.73 -17.26
C GLU B 53 7.75 20.96 -16.67
N LYS B 54 8.81 20.74 -15.90
CA LYS B 54 9.65 21.84 -15.36
C LYS B 54 11.12 21.56 -15.69
N SER B 55 11.85 22.59 -16.08
CA SER B 55 13.31 22.60 -16.35
C SER B 55 14.04 21.89 -15.20
N SER B 56 15.15 21.22 -15.49
CA SER B 56 15.98 20.54 -14.47
C SER B 56 17.27 20.01 -15.11
N THR B 57 18.23 20.91 -15.27
CA THR B 57 19.43 20.75 -16.11
C THR B 57 20.25 19.52 -15.65
N ARG B 58 20.39 19.30 -14.35
CA ARG B 58 21.25 18.20 -13.79
C ARG B 58 20.52 16.84 -13.87
N THR B 59 19.20 16.83 -13.80
CA THR B 59 18.42 15.58 -14.03
C THR B 59 18.57 15.20 -15.50
N ARG B 60 18.39 16.18 -16.38
CA ARG B 60 18.41 15.98 -17.83
C ARG B 60 19.80 15.48 -18.22
N ILE B 61 20.85 16.18 -17.81
CA ILE B 61 22.24 15.80 -18.19
C ILE B 61 22.52 14.39 -17.68
N SER B 62 22.15 14.09 -16.44
CA SER B 62 22.42 12.78 -15.80
C SER B 62 21.74 11.70 -16.65
N PHE B 63 20.46 11.85 -16.98
CA PHE B 63 19.69 10.82 -17.75
C PHE B 63 20.21 10.74 -19.20
N GLU B 64 20.39 11.88 -19.87
CA GLU B 64 20.79 11.91 -21.28
C GLU B 64 22.17 11.25 -21.40
N THR B 65 23.11 11.58 -20.50
CA THR B 65 24.48 11.04 -20.50
C THR B 65 24.40 9.53 -20.23
N GLY B 66 23.64 9.10 -19.22
CA GLY B 66 23.52 7.67 -18.89
C GLY B 66 23.02 6.83 -20.05
N MET B 67 21.93 7.23 -20.70
CA MET B 67 21.37 6.39 -21.78
C MET B 67 22.33 6.37 -22.98
N GLY B 68 23.04 7.48 -23.28
CA GLY B 68 24.08 7.55 -24.32
C GLY B 68 25.26 6.63 -24.01
N GLN B 69 25.69 6.55 -22.77
CA GLN B 69 26.77 5.61 -22.39
C GLN B 69 26.30 4.18 -22.64
N PHE B 70 25.02 3.88 -22.43
CA PHE B 70 24.48 2.49 -22.62
C PHE B 70 24.20 2.21 -24.11
N GLY B 71 24.49 3.15 -25.01
CA GLY B 71 24.38 2.94 -26.46
C GLY B 71 22.99 3.29 -26.95
N GLY B 72 22.13 3.84 -26.10
CA GLY B 72 20.78 4.24 -26.53
C GLY B 72 20.74 5.70 -26.89
N ASN B 73 19.56 6.23 -27.17
CA ASN B 73 19.37 7.68 -27.45
C ASN B 73 18.32 8.22 -26.49
N ALA B 74 18.41 9.48 -26.17
CA ALA B 74 17.53 10.12 -25.19
C ALA B 74 16.93 11.29 -25.95
N ILE B 75 15.62 11.44 -25.84
CA ILE B 75 14.88 12.57 -26.46
C ILE B 75 14.43 13.51 -25.36
N PHE B 76 14.91 14.74 -25.42
CA PHE B 76 14.58 15.81 -24.45
C PHE B 76 13.28 16.47 -24.90
N LEU B 77 12.18 16.17 -24.22
CA LEU B 77 10.89 16.88 -24.39
C LEU B 77 10.82 17.96 -23.31
N SER B 78 11.15 19.18 -23.72
CA SER B 78 11.27 20.38 -22.85
C SER B 78 9.86 20.83 -22.50
N PRO B 79 9.69 21.69 -21.46
CA PRO B 79 8.38 22.24 -21.14
C PRO B 79 7.69 22.84 -22.37
N ASN B 80 8.43 23.62 -23.18
CA ASN B 80 8.03 24.22 -24.48
C ASN B 80 7.44 23.17 -25.42
N ASP B 81 7.98 21.96 -25.44
CA ASP B 81 7.53 20.85 -26.32
C ASP B 81 6.28 20.19 -25.69
N THR B 82 5.40 20.98 -25.05
CA THR B 82 4.03 20.58 -24.61
C THR B 82 3.13 21.82 -24.59
N GLY B 87 -5.80 14.62 -19.10
CA GLY B 87 -7.08 14.01 -19.55
C GLY B 87 -6.88 12.85 -20.52
N GLU B 88 -7.78 12.69 -21.50
CA GLU B 88 -7.76 11.60 -22.51
C GLU B 88 -6.54 11.77 -23.42
N PRO B 89 -6.13 13.01 -23.82
CA PRO B 89 -4.83 13.21 -24.48
C PRO B 89 -3.59 12.83 -23.66
N LEU B 90 -3.64 12.91 -22.32
CA LEU B 90 -2.50 12.47 -21.51
C LEU B 90 -2.34 10.95 -21.66
N GLU B 91 -3.44 10.21 -21.52
CA GLU B 91 -3.49 8.73 -21.68
C GLU B 91 -3.00 8.37 -23.08
N ASP B 92 -3.47 9.10 -24.09
CA ASP B 92 -3.26 8.85 -25.53
C ASP B 92 -1.78 9.04 -25.85
N SER B 93 -1.15 10.06 -25.24
CA SER B 93 0.29 10.34 -25.46
C SER B 93 1.16 9.32 -24.70
N ALA B 94 0.78 8.89 -23.48
CA ALA B 94 1.47 7.79 -22.77
C ALA B 94 1.50 6.55 -23.67
N ARG B 95 0.37 6.23 -24.28
CA ARG B 95 0.26 5.03 -25.15
C ARG B 95 1.09 5.22 -26.43
N VAL B 96 0.97 6.36 -27.09
CA VAL B 96 1.65 6.58 -28.40
C VAL B 96 3.16 6.64 -28.15
N ILE B 97 3.59 7.43 -27.17
CA ILE B 97 5.05 7.64 -26.90
C ILE B 97 5.69 6.31 -26.51
N SER B 98 5.00 5.51 -25.67
CA SER B 98 5.52 4.22 -25.14
C SER B 98 5.51 3.19 -26.26
N SER B 99 4.69 3.39 -27.31
CA SER B 99 4.74 2.49 -28.48
C SER B 99 5.99 2.76 -29.32
N MET B 100 6.71 3.87 -29.10
CA MET B 100 7.90 4.26 -29.90
C MET B 100 9.21 4.16 -29.09
N VAL B 101 9.24 4.66 -27.87
CA VAL B 101 10.45 4.60 -27.00
C VAL B 101 10.43 3.33 -26.14
N ASP B 102 11.50 3.08 -25.40
CA ASP B 102 11.67 1.83 -24.60
C ASP B 102 11.59 2.15 -23.10
N ILE B 103 11.66 3.43 -22.72
CA ILE B 103 11.67 3.82 -21.30
C ILE B 103 11.47 5.33 -21.23
N ILE B 104 10.70 5.78 -20.25
CA ILE B 104 10.29 7.20 -20.13
C ILE B 104 10.66 7.70 -18.73
N MET B 105 11.42 8.79 -18.63
CA MET B 105 11.51 9.56 -17.36
C MET B 105 10.58 10.77 -17.43
N ILE B 106 9.96 11.13 -16.31
CA ILE B 106 8.99 12.24 -16.18
C ILE B 106 9.37 13.07 -14.95
N ARG B 107 9.42 14.39 -15.12
CA ARG B 107 9.37 15.37 -14.00
C ARG B 107 8.13 16.22 -14.25
N THR B 108 7.07 16.01 -13.47
CA THR B 108 5.82 16.80 -13.46
C THR B 108 5.76 17.56 -12.14
N PHE B 109 4.63 18.22 -11.87
CA PHE B 109 4.31 18.85 -10.56
C PHE B 109 3.54 17.84 -9.71
N GLY B 110 2.35 17.44 -10.16
CA GLY B 110 1.41 16.58 -9.41
C GLY B 110 1.71 15.10 -9.62
N HIS B 111 1.84 14.35 -8.52
CA HIS B 111 2.09 12.89 -8.52
C HIS B 111 1.08 12.15 -9.41
N GLU B 112 -0.09 12.75 -9.67
CA GLU B 112 -1.20 12.06 -10.36
C GLU B 112 -0.95 11.99 -11.87
N LYS B 113 -0.43 13.06 -12.48
CA LYS B 113 -0.05 13.01 -13.91
C LYS B 113 0.86 11.80 -14.14
N VAL B 114 1.87 11.63 -13.27
CA VAL B 114 2.87 10.52 -13.30
C VAL B 114 2.17 9.17 -13.15
N GLU B 115 1.20 9.07 -12.24
CA GLU B 115 0.48 7.79 -11.95
C GLU B 115 -0.34 7.39 -13.18
N THR B 116 -1.10 8.33 -13.74
CA THR B 116 -1.90 8.15 -14.97
C THR B 116 -0.98 7.73 -16.13
N PHE B 117 0.15 8.41 -16.29
CA PHE B 117 1.20 8.05 -17.27
C PHE B 117 1.64 6.59 -17.04
N ALA B 118 1.93 6.20 -15.80
CA ALA B 118 2.35 4.82 -15.46
C ALA B 118 1.20 3.84 -15.79
N GLU B 119 -0.04 4.21 -15.53
CA GLU B 119 -1.19 3.35 -15.88
C GLU B 119 -1.24 3.09 -17.41
N TYR B 120 -0.97 4.07 -18.28
CA TYR B 120 -1.22 3.94 -19.73
C TYR B 120 0.07 3.69 -20.52
N SER B 121 1.25 3.67 -19.89
CA SER B 121 2.51 3.42 -20.62
C SER B 121 2.73 1.91 -20.75
N SER B 122 3.11 1.45 -21.94
CA SER B 122 3.52 0.05 -22.19
C SER B 122 5.00 -0.13 -21.86
N VAL B 123 5.69 0.90 -21.36
CA VAL B 123 7.15 0.79 -21.02
C VAL B 123 7.37 1.43 -19.66
N PRO B 124 8.50 1.07 -19.02
CA PRO B 124 8.78 1.54 -17.67
C PRO B 124 8.83 3.07 -17.59
N ILE B 125 8.25 3.60 -16.52
CA ILE B 125 8.25 5.04 -16.14
C ILE B 125 9.17 5.23 -14.95
N ILE B 126 10.10 6.19 -15.07
CA ILE B 126 10.95 6.68 -13.97
C ILE B 126 10.44 8.05 -13.56
N ASN B 127 10.03 8.16 -12.31
CA ASN B 127 9.64 9.45 -11.70
C ASN B 127 10.94 10.12 -11.28
N ALA B 128 11.25 11.24 -11.93
CA ALA B 128 12.53 11.95 -11.80
C ALA B 128 12.49 12.69 -10.45
N LEU B 129 11.54 13.61 -10.26
CA LEU B 129 11.35 14.25 -8.94
C LEU B 129 10.10 15.15 -8.87
N THR B 130 8.93 14.66 -9.30
CA THR B 130 7.63 15.31 -8.97
C THR B 130 7.59 15.77 -7.51
N ASP B 131 6.80 16.81 -7.21
CA ASP B 131 6.63 17.40 -5.86
C ASP B 131 8.01 17.86 -5.42
N ASP B 132 8.45 17.45 -4.23
CA ASP B 132 9.87 17.52 -3.79
C ASP B 132 10.37 16.08 -3.56
N TYR B 133 9.54 15.06 -3.85
CA TYR B 133 9.89 13.61 -3.73
C TYR B 133 11.03 13.30 -4.66
N HIS B 134 12.15 12.85 -4.11
CA HIS B 134 13.43 12.71 -4.83
C HIS B 134 13.85 11.24 -4.84
N PRO B 135 13.04 10.31 -5.41
CA PRO B 135 13.41 8.90 -5.36
C PRO B 135 14.77 8.63 -6.03
N CYS B 136 15.04 9.24 -7.18
CA CYS B 136 16.31 9.08 -7.95
C CYS B 136 17.49 9.71 -7.22
N GLN B 137 17.29 10.88 -6.60
CA GLN B 137 18.34 11.48 -5.74
C GLN B 137 18.69 10.49 -4.60
N LEU B 138 17.70 9.84 -4.00
CA LEU B 138 18.01 8.94 -2.86
C LEU B 138 18.80 7.75 -3.33
N LEU B 139 18.47 7.21 -4.49
CA LEU B 139 19.31 6.13 -5.06
C LEU B 139 20.77 6.62 -5.06
N ALA B 140 21.02 7.87 -5.50
CA ALA B 140 22.41 8.39 -5.62
C ALA B 140 23.01 8.59 -4.21
N ASP B 141 22.25 9.22 -3.30
CA ASP B 141 22.62 9.41 -1.87
C ASP B 141 22.98 8.05 -1.29
N MET B 142 22.12 7.04 -1.46
CA MET B 142 22.40 5.72 -0.86
C MET B 142 23.66 5.12 -1.48
N GLN B 143 23.85 5.28 -2.80
CA GLN B 143 25.07 4.77 -3.47
C GLN B 143 26.31 5.45 -2.86
N THR B 144 26.20 6.76 -2.66
CA THR B 144 27.35 7.54 -2.18
C THR B 144 27.68 7.09 -0.76
N TYR B 145 26.69 6.82 0.09
CA TYR B 145 26.96 6.34 1.47
C TYR B 145 27.64 4.97 1.38
N TYR B 146 27.11 4.03 0.59
CA TYR B 146 27.71 2.68 0.39
C TYR B 146 29.19 2.79 -0.03
N GLU B 147 29.53 3.71 -0.93
CA GLU B 147 30.90 3.80 -1.51
C GLU B 147 31.88 4.32 -0.47
N HIS B 148 31.44 5.22 0.41
CA HIS B 148 32.36 5.85 1.40
C HIS B 148 32.38 5.05 2.71
N ARG B 149 31.30 4.34 3.06
CA ARG B 149 31.14 3.78 4.42
C ARG B 149 30.38 2.44 4.42
N GLY B 150 30.22 1.77 3.27
CA GLY B 150 29.55 0.45 3.25
C GLY B 150 28.08 0.54 3.63
N SER B 151 27.52 -0.57 4.08
CA SER B 151 26.08 -0.76 4.35
C SER B 151 25.55 0.30 5.33
N ILE B 152 24.31 0.72 5.12
CA ILE B 152 23.60 1.73 5.94
C ILE B 152 22.55 1.03 6.79
N GLU B 153 22.46 -0.29 6.68
CA GLU B 153 21.58 -1.13 7.51
C GLU B 153 21.99 -0.91 8.98
N ASN B 154 21.01 -0.54 9.81
CA ASN B 154 21.09 -0.32 11.27
C ASN B 154 21.97 0.88 11.58
N LYS B 155 22.20 1.74 10.58
CA LYS B 155 22.96 2.99 10.78
C LYS B 155 21.98 4.08 11.18
N ILE B 156 22.51 5.24 11.52
CA ILE B 156 21.71 6.39 12.02
C ILE B 156 21.88 7.49 11.01
N VAL B 157 20.77 8.01 10.51
CA VAL B 157 20.77 9.17 9.56
C VAL B 157 20.03 10.31 10.23
N THR B 158 20.57 11.51 10.10
CA THR B 158 19.95 12.76 10.57
C THR B 158 19.63 13.63 9.36
N TRP B 159 18.34 13.90 9.17
CA TRP B 159 17.80 14.96 8.27
C TRP B 159 17.72 16.26 9.05
N VAL B 160 18.36 17.32 8.58
CA VAL B 160 18.28 18.68 9.17
C VAL B 160 17.55 19.57 8.15
N GLY B 161 16.44 20.20 8.56
CA GLY B 161 15.62 21.13 7.77
C GLY B 161 14.12 20.85 7.90
N ASP B 162 13.30 21.36 6.98
CA ASP B 162 11.81 21.21 7.04
C ASP B 162 11.42 19.75 6.81
N GLY B 163 10.17 19.41 7.12
CA GLY B 163 9.53 18.13 6.81
C GLY B 163 8.87 18.14 5.44
N ASN B 164 9.59 18.64 4.43
CA ASN B 164 9.22 18.66 2.98
C ASN B 164 9.30 17.24 2.39
N ASN B 165 9.17 17.09 1.06
CA ASN B 165 9.06 15.75 0.39
C ASN B 165 10.45 15.12 0.24
N MET B 166 11.52 15.91 0.29
CA MET B 166 12.92 15.40 0.34
C MET B 166 13.13 14.67 1.69
N CYS B 167 12.67 15.27 2.80
CA CYS B 167 12.59 14.60 4.13
C CYS B 167 11.78 13.32 4.00
N SER B 168 10.60 13.40 3.38
CA SER B 168 9.71 12.25 3.12
C SER B 168 10.47 11.15 2.38
N SER B 169 11.29 11.53 1.39
CA SER B 169 12.01 10.53 0.57
C SER B 169 12.98 9.78 1.48
N PHE B 170 13.65 10.48 2.40
CA PHE B 170 14.57 9.87 3.39
C PHE B 170 13.80 9.01 4.39
N MET B 171 12.56 9.40 4.71
CA MET B 171 11.65 8.58 5.55
C MET B 171 11.33 7.26 4.82
N GLN B 172 11.00 7.28 3.52
CA GLN B 172 10.72 6.03 2.76
C GLN B 172 11.99 5.19 2.72
N ALA B 173 13.15 5.84 2.59
CA ALA B 173 14.46 5.16 2.47
C ALA B 173 14.88 4.56 3.81
N ALA B 174 14.58 5.23 4.91
CA ALA B 174 14.83 4.68 6.27
C ALA B 174 14.17 3.31 6.33
N ASN B 175 12.87 3.28 5.98
CA ASN B 175 12.07 2.03 5.86
C ASN B 175 12.75 1.01 4.92
N GLN B 176 13.20 1.41 3.72
CA GLN B 176 13.65 0.47 2.65
C GLN B 176 15.11 0.00 2.83
N PHE B 177 16.01 0.86 3.27
CA PHE B 177 17.45 0.51 3.44
C PHE B 177 17.72 0.14 4.90
N GLY B 178 16.67 0.08 5.74
CA GLY B 178 16.71 -0.44 7.13
C GLY B 178 17.64 0.37 8.02
N PHE B 179 17.60 1.70 7.94
CA PHE B 179 18.33 2.62 8.85
C PHE B 179 17.29 3.36 9.70
N GLU B 180 17.74 4.03 10.74
CA GLU B 180 16.92 4.88 11.65
C GLU B 180 17.19 6.32 11.27
N LEU B 181 16.12 7.09 11.04
CA LEU B 181 16.19 8.50 10.68
C LEU B 181 15.73 9.33 11.87
N ARG B 182 16.49 10.35 12.19
CA ARG B 182 16.07 11.45 13.08
C ARG B 182 15.83 12.65 12.20
N VAL B 183 14.67 13.27 12.35
CA VAL B 183 14.29 14.50 11.63
C VAL B 183 14.38 15.65 12.62
N ALA B 184 15.40 16.49 12.47
CA ALA B 184 15.58 17.73 13.23
C ALA B 184 14.93 18.84 12.42
N ALA B 185 13.60 18.92 12.48
CA ALA B 185 12.80 19.96 11.82
C ALA B 185 12.54 21.10 12.79
N PRO B 186 12.64 22.36 12.33
CA PRO B 186 12.36 23.52 13.19
C PRO B 186 10.88 23.58 13.58
N TYR B 187 10.60 24.10 14.77
CA TYR B 187 9.23 24.28 15.30
C TYR B 187 8.36 24.90 14.21
N GLY B 188 7.21 24.28 13.88
CA GLY B 188 6.22 24.80 12.92
C GLY B 188 6.45 24.30 11.50
N PHE B 189 7.57 23.64 11.22
CA PHE B 189 7.91 23.09 9.88
C PHE B 189 8.17 21.59 10.01
N GLU B 190 7.36 20.88 10.79
CA GLU B 190 7.52 19.43 11.09
C GLU B 190 6.81 18.60 10.02
N PRO B 191 7.24 17.36 9.73
CA PRO B 191 6.52 16.55 8.75
C PRO B 191 5.05 16.30 9.12
N ASP B 192 4.23 15.98 8.12
CA ASP B 192 2.81 15.56 8.28
C ASP B 192 2.78 14.42 9.30
N PRO B 193 2.04 14.55 10.43
CA PRO B 193 2.00 13.50 11.45
C PRO B 193 1.46 12.13 10.99
N LYS B 194 0.59 12.09 9.97
CA LYS B 194 0.11 10.82 9.37
C LYS B 194 1.27 10.14 8.64
N LEU B 195 2.17 10.94 8.05
CA LEU B 195 3.47 10.45 7.51
C LEU B 195 4.31 9.83 8.65
N MET B 196 4.48 10.53 9.77
CA MET B 196 5.35 10.06 10.88
C MET B 196 4.78 8.74 11.43
N GLU B 197 3.45 8.70 11.57
CA GLU B 197 2.68 7.52 12.06
C GLU B 197 2.95 6.34 11.14
N ARG B 198 2.97 6.59 9.83
CA ARG B 198 3.22 5.50 8.83
C ARG B 198 4.64 4.96 9.05
N PHE B 199 5.61 5.80 9.43
CA PHE B 199 7.04 5.42 9.56
C PHE B 199 7.50 5.40 11.02
N SER B 200 6.57 5.24 11.96
CA SER B 200 6.75 5.20 13.45
C SER B 200 8.04 4.51 13.86
N HIS B 201 8.26 3.31 13.34
CA HIS B 201 9.26 2.32 13.84
C HIS B 201 10.65 2.54 13.24
N CYS B 202 10.88 3.54 12.37
CA CYS B 202 12.25 3.84 11.87
C CYS B 202 12.49 5.35 11.82
N VAL B 203 11.51 6.17 12.19
CA VAL B 203 11.65 7.65 12.14
C VAL B 203 11.20 8.27 13.45
N SER B 204 11.89 9.31 13.89
CA SER B 204 11.62 10.04 15.15
C SER B 204 11.92 11.51 14.93
N LEU B 205 11.09 12.35 15.50
CA LEU B 205 11.22 13.81 15.44
C LEU B 205 12.07 14.22 16.65
N VAL B 206 13.11 15.01 16.41
CA VAL B 206 14.10 15.45 17.44
C VAL B 206 14.36 16.93 17.16
N GLU B 207 13.85 17.82 18.02
CA GLU B 207 13.89 19.28 17.78
C GLU B 207 15.34 19.81 17.75
N ASN B 208 16.13 19.39 18.73
CA ASN B 208 17.50 19.90 19.00
C ASN B 208 18.48 19.16 18.07
N VAL B 209 19.09 19.90 17.14
CA VAL B 209 19.94 19.30 16.07
C VAL B 209 21.09 18.50 16.70
N GLN B 210 21.63 18.96 17.84
CA GLN B 210 22.76 18.30 18.55
C GLN B 210 22.37 16.89 19.01
N ASP B 211 21.16 16.70 19.52
CA ASP B 211 20.67 15.37 19.98
C ASP B 211 20.39 14.52 18.73
N ALA B 212 19.82 15.14 17.70
CA ALA B 212 19.53 14.54 16.39
C ALA B 212 20.84 13.95 15.83
N ALA B 213 21.88 14.78 15.80
CA ALA B 213 23.18 14.51 15.13
C ALA B 213 24.00 13.44 15.87
N LYS B 214 23.59 13.07 17.09
CA LYS B 214 24.43 12.28 18.02
C LYS B 214 24.61 10.86 17.49
N ASP B 215 25.85 10.42 17.28
CA ASP B 215 26.19 9.06 16.77
C ASP B 215 25.65 8.83 15.34
N ALA B 216 25.28 9.91 14.63
CA ALA B 216 24.79 9.87 13.24
C ALA B 216 25.92 9.39 12.33
N ASN B 217 25.62 8.39 11.50
CA ASN B 217 26.48 7.92 10.39
C ASN B 217 26.37 8.84 9.17
N LEU B 218 25.21 9.47 8.97
CA LEU B 218 24.95 10.33 7.81
C LEU B 218 24.17 11.55 8.30
N ILE B 219 24.68 12.76 8.04
CA ILE B 219 23.91 14.03 8.18
C ILE B 219 23.64 14.61 6.79
N VAL B 220 22.36 14.90 6.53
CA VAL B 220 21.82 15.41 5.24
C VAL B 220 21.00 16.64 5.55
N THR B 221 21.05 17.64 4.69
CA THR B 221 20.18 18.84 4.79
C THR B 221 20.00 19.41 3.40
N ASP B 222 18.95 20.20 3.21
CA ASP B 222 18.70 21.02 1.99
C ASP B 222 18.68 22.49 2.39
N VAL B 223 19.11 22.81 3.62
CA VAL B 223 19.19 24.21 4.14
C VAL B 223 20.50 24.85 3.67
N TRP B 224 20.40 26.06 3.10
CA TRP B 224 21.55 26.90 2.67
C TRP B 224 21.97 27.82 3.81
N ALA B 225 23.23 28.25 3.84
CA ALA B 225 23.89 28.97 4.96
C ALA B 225 23.51 30.46 4.99
N SER B 226 22.55 30.90 4.16
CA SER B 226 21.89 32.24 4.22
C SER B 226 20.63 32.25 3.32
N GLU B 232 21.07 40.10 6.84
CA GLU B 232 20.80 39.63 8.22
C GLU B 232 19.29 39.41 8.39
N GLN B 233 18.63 38.77 7.41
CA GLN B 233 17.16 38.50 7.38
C GLN B 233 16.80 37.55 8.53
N ASN B 234 16.41 38.11 9.68
CA ASN B 234 16.24 37.37 10.97
C ASN B 234 14.77 36.98 11.16
N THR B 235 14.26 36.03 10.36
CA THR B 235 12.88 35.47 10.49
C THR B 235 12.84 34.05 9.90
N ARG B 236 13.10 33.89 8.61
CA ARG B 236 13.19 32.56 7.93
C ARG B 236 14.63 32.02 8.02
N ALA B 237 15.60 32.88 8.38
CA ALA B 237 17.04 32.53 8.51
C ALA B 237 17.41 32.33 9.98
N ARG B 238 16.88 33.15 10.89
CA ARG B 238 17.06 32.99 12.36
C ARG B 238 16.25 31.78 12.82
N ARG B 239 15.15 31.50 12.11
CA ARG B 239 14.45 30.18 12.11
C ARG B 239 15.49 29.07 11.92
N PHE B 240 16.12 29.00 10.75
CA PHE B 240 17.05 27.91 10.36
C PHE B 240 18.41 28.03 11.08
N ALA B 241 18.73 29.17 11.72
CA ALA B 241 20.06 29.51 12.29
C ALA B 241 20.65 28.38 13.14
N PRO B 242 19.93 27.80 14.14
CA PRO B 242 20.47 26.69 14.93
C PRO B 242 20.41 25.32 14.24
N TYR B 243 19.91 25.29 13.00
CA TYR B 243 19.83 24.09 12.11
C TYR B 243 20.88 24.17 10.99
N GLN B 244 21.94 24.96 11.16
CA GLN B 244 23.09 25.01 10.22
C GLN B 244 24.00 23.83 10.51
N VAL B 245 24.33 22.99 9.53
CA VAL B 245 25.40 21.97 9.72
C VAL B 245 26.77 22.67 9.61
N THR B 246 27.65 22.35 10.56
CA THR B 246 29.03 22.85 10.71
C THR B 246 29.90 21.66 11.09
N PRO B 247 31.24 21.78 10.93
CA PRO B 247 32.17 20.73 11.35
C PRO B 247 31.98 20.34 12.82
N SER B 248 31.63 21.33 13.66
CA SER B 248 31.37 21.14 15.10
C SER B 248 30.21 20.15 15.30
N LEU B 249 29.10 20.35 14.57
CA LEU B 249 27.94 19.42 14.62
C LEU B 249 28.38 18.02 14.20
N LEU B 250 29.18 17.91 13.13
CA LEU B 250 29.77 16.61 12.65
C LEU B 250 30.69 16.02 13.74
N ASP B 251 31.41 16.86 14.47
CA ASP B 251 32.31 16.38 15.56
C ASP B 251 31.49 15.64 16.61
N LYS B 252 30.25 16.05 16.89
CA LYS B 252 29.33 15.36 17.83
C LYS B 252 28.65 14.14 17.18
N ALA B 253 28.86 13.88 15.89
CA ALA B 253 28.28 12.72 15.18
C ALA B 253 29.22 11.52 15.37
N ASP B 254 28.89 10.36 14.80
CA ASP B 254 29.77 9.17 14.77
C ASP B 254 31.12 9.57 14.21
N PRO B 255 32.23 8.91 14.61
CA PRO B 255 33.55 9.15 14.01
C PRO B 255 33.59 9.01 12.48
N GLU B 256 32.93 7.99 11.92
CA GLU B 256 32.87 7.69 10.45
C GLU B 256 31.66 8.40 9.80
N VAL B 257 31.32 9.60 10.23
CA VAL B 257 30.14 10.37 9.75
C VAL B 257 30.44 10.96 8.36
N VAL B 258 29.39 11.04 7.55
CA VAL B 258 29.42 11.58 6.16
C VAL B 258 28.37 12.69 6.05
N PHE B 259 28.66 13.78 5.36
CA PHE B 259 27.74 14.91 5.15
C PHE B 259 27.25 14.97 3.70
N MET B 260 25.93 15.14 3.50
CA MET B 260 25.31 15.23 2.16
C MET B 260 24.43 16.47 2.06
N HIS B 261 24.33 16.98 0.83
CA HIS B 261 23.63 18.24 0.50
C HIS B 261 23.53 18.35 -1.02
N CYS B 262 22.31 18.61 -1.52
CA CYS B 262 22.04 19.06 -2.91
C CYS B 262 22.87 20.33 -3.15
N LEU B 263 23.37 20.53 -4.36
CA LEU B 263 24.41 21.56 -4.64
C LEU B 263 23.71 22.84 -5.09
N PRO B 264 24.34 24.03 -4.90
CA PRO B 264 23.78 25.29 -5.39
C PRO B 264 23.59 25.30 -6.92
N ALA B 265 22.34 25.56 -7.36
CA ALA B 265 21.96 25.79 -8.77
C ALA B 265 21.81 27.30 -9.02
N HIS B 266 21.12 28.01 -8.13
CA HIS B 266 20.75 29.46 -8.25
C HIS B 266 21.65 30.30 -7.34
N ARG B 267 21.61 31.63 -7.51
CA ARG B 267 22.57 32.60 -6.90
C ARG B 267 22.28 32.78 -5.41
N GLY B 268 21.02 32.70 -4.98
CA GLY B 268 20.63 32.77 -3.55
C GLY B 268 21.33 31.70 -2.74
N GLU B 269 21.32 30.46 -3.25
CA GLU B 269 21.80 29.20 -2.59
C GLU B 269 23.32 29.23 -2.39
N GLU B 270 23.80 28.71 -1.26
CA GLU B 270 25.24 28.69 -0.90
C GLU B 270 25.46 27.75 0.29
N ILE B 271 26.54 26.98 0.27
CA ILE B 271 27.00 26.10 1.38
C ILE B 271 28.21 26.78 2.03
N SER B 272 28.31 26.73 3.36
CA SER B 272 29.38 27.38 4.16
C SER B 272 30.74 26.80 3.78
N HIS B 273 31.74 27.66 3.55
CA HIS B 273 33.12 27.28 3.11
C HIS B 273 33.65 26.21 4.05
N ASP B 274 33.34 26.31 5.34
CA ASP B 274 33.68 25.30 6.37
C ASP B 274 33.23 23.91 5.88
N MET B 275 31.97 23.78 5.48
CA MET B 275 31.36 22.46 5.09
C MET B 275 31.95 21.97 3.76
N LEU B 276 31.95 22.81 2.72
CA LEU B 276 32.58 22.49 1.41
C LEU B 276 33.97 21.89 1.65
N ASN B 277 34.78 22.52 2.51
CA ASN B 277 36.21 22.20 2.75
C ASN B 277 36.37 20.99 3.68
N ASP B 278 35.32 20.60 4.41
CA ASP B 278 35.38 19.50 5.41
C ASP B 278 35.60 18.16 4.70
N PRO B 279 36.58 17.33 5.10
CA PRO B 279 36.87 16.10 4.37
C PRO B 279 35.81 15.01 4.56
N ARG B 280 34.75 15.27 5.35
CA ARG B 280 33.66 14.29 5.56
C ARG B 280 32.49 14.60 4.61
N SER B 281 32.52 15.74 3.94
CA SER B 281 31.55 16.10 2.86
C SER B 281 31.75 15.16 1.68
N VAL B 282 30.65 14.63 1.14
CA VAL B 282 30.67 13.76 -0.07
C VAL B 282 29.68 14.37 -1.08
N VAL B 283 29.45 15.68 -1.00
CA VAL B 283 28.52 16.44 -1.89
C VAL B 283 28.86 16.22 -3.37
N TRP B 284 30.14 16.15 -3.76
CA TRP B 284 30.53 16.08 -5.20
C TRP B 284 30.20 14.71 -5.75
N ASP B 285 30.56 13.66 -5.01
CA ASP B 285 30.25 12.27 -5.41
C ASP B 285 28.73 12.12 -5.48
N GLU B 286 28.01 12.77 -4.57
CA GLU B 286 26.54 12.66 -4.46
C GLU B 286 25.91 13.15 -5.78
N ALA B 287 26.41 14.28 -6.32
CA ALA B 287 25.87 14.91 -7.55
C ALA B 287 26.27 14.04 -8.74
N GLU B 288 27.53 13.59 -8.79
CA GLU B 288 28.01 12.72 -9.90
C GLU B 288 27.15 11.46 -9.94
N ASN B 289 26.86 10.88 -8.78
CA ASN B 289 26.26 9.53 -8.70
C ASN B 289 24.81 9.57 -9.19
N ARG B 290 24.22 10.74 -9.41
CA ARG B 290 22.91 10.80 -10.11
C ARG B 290 23.05 10.02 -11.42
N LEU B 291 24.21 10.12 -12.09
CA LEU B 291 24.44 9.47 -13.41
C LEU B 291 24.47 7.95 -13.19
N HIS B 292 25.31 7.46 -12.28
CA HIS B 292 25.55 6.01 -12.14
C HIS B 292 24.32 5.33 -11.55
N ALA B 293 23.65 5.98 -10.58
CA ALA B 293 22.47 5.39 -9.90
C ALA B 293 21.31 5.30 -10.89
N GLN B 294 21.13 6.31 -11.72
CA GLN B 294 20.03 6.28 -12.74
C GLN B 294 20.36 5.25 -13.83
N LYS B 295 21.63 5.04 -14.14
CA LYS B 295 22.02 4.03 -15.15
C LYS B 295 21.65 2.64 -14.60
N ALA B 296 21.97 2.36 -13.34
CA ALA B 296 21.62 1.10 -12.66
C ALA B 296 20.10 0.91 -12.72
N LEU B 297 19.35 1.96 -12.43
CA LEU B 297 17.88 1.92 -12.39
C LEU B 297 17.34 1.55 -13.77
N MET B 298 17.82 2.25 -14.81
CA MET B 298 17.40 2.00 -16.21
C MET B 298 17.80 0.57 -16.58
N GLU B 299 18.98 0.12 -16.16
CA GLU B 299 19.46 -1.24 -16.51
C GLU B 299 18.53 -2.28 -15.85
N PHE B 300 18.07 -2.01 -14.63
CA PHE B 300 17.13 -2.88 -13.88
C PHE B 300 15.78 -2.90 -14.61
N LEU B 301 15.17 -1.75 -14.86
CA LEU B 301 13.83 -1.68 -15.50
C LEU B 301 13.86 -2.28 -16.93
N LEU B 302 15.01 -2.34 -17.59
CA LEU B 302 15.11 -2.89 -18.97
C LEU B 302 15.93 -4.17 -18.97
N LYS B 303 16.07 -4.78 -17.80
CA LYS B 303 16.78 -6.05 -17.52
C LYS B 303 16.58 -6.97 -18.72
N ASP B 304 15.33 -7.21 -19.09
CA ASP B 304 14.99 -8.29 -20.03
C ASP B 304 15.35 -7.88 -21.46
N LYS B 305 15.81 -6.64 -21.71
CA LYS B 305 16.21 -6.20 -23.08
C LYS B 305 17.72 -6.06 -23.22
N ILE B 306 18.47 -6.43 -22.18
CA ILE B 306 19.96 -6.33 -22.20
C ILE B 306 20.49 -7.25 -23.31
N LYS B 307 21.33 -6.71 -24.20
CA LYS B 307 21.95 -7.48 -25.30
C LYS B 307 23.49 -7.38 -25.17
#